data_8JQT
#
_entry.id   8JQT
#
_cell.length_a   126.282
_cell.length_b   126.282
_cell.length_c   65.167
_cell.angle_alpha   90.00
_cell.angle_beta   90.00
_cell.angle_gamma   90.00
#
_symmetry.space_group_name_H-M   'I 4'
#
loop_
_entity.id
_entity.type
_entity.pdbx_description
1 polymer 'MHC class I antigen alpha chain'
2 polymer Beta-2-microglobulin
3 polymer 'peptide of AIV'
4 water water
#
loop_
_entity_poly.entity_id
_entity_poly.type
_entity_poly.pdbx_seq_one_letter_code
_entity_poly.pdbx_strand_id
1 'polypeptide(L)'
;EPHSLRYFYTAVSDPSPGVPQYVAVGYVDGEAFTYYDSETRRTEPRVDWIAANMDQQYWDMVTEIFQNTEQIYRINLDTL
RERYNQSRGSHTRQWMYGCDLLEDSSIRGFDQHGYDGKDFLTFDKDAMTYTAADAGAQITKRKWEQEGTFAERMKFYLEN
TCIEWLRKYVSYGKDVLERRERPEVRVSRMEADKILTLSCRAHGFYPRPISISWLKDGMVQEQETQRGSTVPNSDGTYHV
WATIDVLPGDWDKYQCRVEHASLPQPGLFSW
;
A
2 'polypeptide(L)'
;EFGQAKAAPKVQVYSRHPATAGTENILNCYVEGFHPPKIDIALLKNGEPMKDVKYNDMSFGDDWTFQRLVYAPFTPTKSD
VYTCRVDHEAFTEPQSFRWEPDF
;
B
3 'polypeptide(L)' GPAKGIEYD C
#
# COMPACT_ATOMS: atom_id res chain seq x y z
N GLU A 1 12.96 11.11 11.83
CA GLU A 1 12.04 11.16 12.96
C GLU A 1 10.51 11.35 12.72
N PRO A 2 9.98 11.09 11.51
CA PRO A 2 8.52 11.06 11.37
C PRO A 2 7.98 9.69 11.76
N HIS A 3 6.79 9.69 12.34
CA HIS A 3 6.22 8.42 12.81
C HIS A 3 4.70 8.42 12.63
N SER A 4 4.15 7.23 12.38
CA SER A 4 2.72 7.11 12.10
C SER A 4 2.19 5.79 12.63
N LEU A 5 0.96 5.83 13.15
CA LEU A 5 0.17 4.63 13.43
C LEU A 5 -1.10 4.73 12.62
N ARG A 6 -1.45 3.67 11.90
CA ARG A 6 -2.62 3.68 11.04
C ARG A 6 -3.32 2.35 11.08
N TYR A 7 -4.65 2.40 11.09
CA TYR A 7 -5.48 1.22 10.94
C TYR A 7 -6.33 1.34 9.68
N PHE A 8 -6.43 0.24 8.94
CA PHE A 8 -7.23 0.13 7.73
C PHE A 8 -8.23 -1.00 7.93
N TYR A 9 -9.52 -0.67 7.88
CA TYR A 9 -10.59 -1.68 8.00
C TYR A 9 -11.32 -1.76 6.67
N THR A 10 -11.53 -2.97 6.17
CA THR A 10 -12.29 -3.19 4.95
C THR A 10 -13.32 -4.25 5.27
N ALA A 11 -14.59 -3.93 5.06
CA ALA A 11 -15.70 -4.87 5.27
C ALA A 11 -16.47 -4.99 3.97
N VAL A 12 -16.72 -6.22 3.51
CA VAL A 12 -17.47 -6.38 2.26
C VAL A 12 -18.70 -7.21 2.53
N SER A 13 -19.75 -6.93 1.76
CA SER A 13 -20.93 -7.76 1.77
C SER A 13 -20.70 -9.07 1.01
N ASP A 14 -19.65 -9.14 0.18
CA ASP A 14 -19.49 -10.19 -0.82
C ASP A 14 -18.07 -10.74 -0.79
N PRO A 15 -17.72 -11.54 0.22
CA PRO A 15 -16.36 -12.10 0.30
C PRO A 15 -15.97 -12.81 -0.99
N SER A 16 -14.67 -12.82 -1.25
CA SER A 16 -14.14 -13.36 -2.51
C SER A 16 -12.72 -13.83 -2.24
N PRO A 17 -12.09 -14.52 -3.20
CA PRO A 17 -10.75 -15.06 -2.93
C PRO A 17 -9.75 -13.95 -2.62
N GLY A 18 -9.12 -14.07 -1.44
CA GLY A 18 -8.23 -13.04 -0.96
C GLY A 18 -8.91 -11.85 -0.31
N VAL A 19 -10.23 -11.88 -0.16
CA VAL A 19 -11.00 -10.79 0.43
C VAL A 19 -11.95 -11.39 1.48
N PRO A 20 -11.49 -11.55 2.72
CA PRO A 20 -12.41 -11.97 3.79
C PRO A 20 -13.51 -10.94 4.01
N GLN A 21 -14.53 -11.34 4.76
CA GLN A 21 -15.65 -10.42 4.99
C GLN A 21 -15.19 -9.16 5.69
N TYR A 22 -14.24 -9.27 6.63
CA TYR A 22 -13.72 -8.14 7.37
C TYR A 22 -12.22 -8.32 7.56
N VAL A 23 -11.44 -7.27 7.26
CA VAL A 23 -10.00 -7.30 7.44
C VAL A 23 -9.58 -6.01 8.13
N ALA A 24 -8.76 -6.12 9.18
CA ALA A 24 -8.20 -4.98 9.90
C ALA A 24 -6.68 -5.10 9.97
N VAL A 25 -5.97 -4.17 9.33
CA VAL A 25 -4.51 -4.20 9.28
C VAL A 25 -3.97 -2.95 9.95
N GLY A 26 -2.98 -3.12 10.83
CA GLY A 26 -2.34 -2.01 11.49
C GLY A 26 -0.94 -1.78 10.93
N TYR A 27 -0.55 -0.50 10.85
CA TYR A 27 0.70 -0.10 10.22
C TYR A 27 1.41 0.88 11.13
N VAL A 28 2.72 0.74 11.25
CA VAL A 28 3.56 1.75 11.89
C VAL A 28 4.59 2.19 10.86
N ASP A 29 4.64 3.51 10.60
CA ASP A 29 5.52 4.06 9.56
C ASP A 29 5.40 3.32 8.23
N GLY A 30 4.16 3.01 7.84
CA GLY A 30 3.91 2.41 6.54
C GLY A 30 4.18 0.93 6.43
N GLU A 31 4.57 0.26 7.51
CA GLU A 31 4.85 -1.17 7.49
C GLU A 31 3.80 -1.87 8.33
N ALA A 32 3.20 -2.94 7.78
CA ALA A 32 2.19 -3.69 8.52
C ALA A 32 2.80 -4.28 9.78
N PHE A 33 2.10 -4.17 10.91
CA PHE A 33 2.58 -4.81 12.14
C PHE A 33 1.56 -5.71 12.84
N THR A 34 0.26 -5.58 12.54
CA THR A 34 -0.75 -6.51 13.05
C THR A 34 -1.79 -6.76 11.96
N TYR A 35 -2.37 -7.96 11.97
CA TYR A 35 -3.37 -8.33 10.98
C TYR A 35 -4.47 -9.13 11.66
N TYR A 36 -5.73 -8.83 11.30
CA TYR A 36 -6.90 -9.55 11.75
C TYR A 36 -7.84 -9.73 10.56
N ASP A 37 -8.46 -10.90 10.43
CA ASP A 37 -9.62 -10.98 9.52
C ASP A 37 -10.69 -11.88 10.12
N SER A 38 -11.84 -11.90 9.46
CA SER A 38 -12.99 -12.61 9.98
C SER A 38 -12.88 -14.12 9.80
N GLU A 39 -11.95 -14.59 8.98
CA GLU A 39 -11.83 -16.01 8.75
C GLU A 39 -11.03 -16.66 9.88
N THR A 40 -9.87 -16.09 10.24
CA THR A 40 -9.14 -16.61 11.39
C THR A 40 -9.79 -16.21 12.70
N ARG A 41 -10.27 -14.97 12.79
CA ARG A 41 -10.82 -14.39 14.03
C ARG A 41 -9.75 -14.21 15.10
N ARG A 42 -8.48 -14.06 14.72
CA ARG A 42 -7.40 -13.69 15.65
C ARG A 42 -6.51 -12.63 15.04
N THR A 43 -5.82 -11.89 15.90
CA THR A 43 -4.86 -10.88 15.46
C THR A 43 -3.46 -11.48 15.47
N GLU A 44 -2.79 -11.40 14.34
CA GLU A 44 -1.48 -12.01 14.19
C GLU A 44 -0.43 -10.91 14.07
N PRO A 45 0.78 -11.11 14.60
CA PRO A 45 1.85 -10.14 14.34
C PRO A 45 2.30 -10.24 12.88
N ARG A 46 2.86 -9.13 12.38
CA ARG A 46 3.35 -9.11 11.00
C ARG A 46 4.81 -8.67 10.93
N VAL A 47 5.43 -8.47 12.09
CA VAL A 47 6.83 -8.10 12.20
C VAL A 47 7.30 -8.62 13.54
N ASP A 48 8.60 -8.92 13.65
CA ASP A 48 9.10 -9.61 14.84
C ASP A 48 9.04 -8.75 16.08
N TRP A 49 9.24 -7.44 15.95
CA TRP A 49 9.40 -6.62 17.14
C TRP A 49 8.10 -6.46 17.94
N ILE A 50 6.94 -6.63 17.29
CA ILE A 50 5.69 -6.57 18.05
C ILE A 50 5.42 -7.89 18.75
N ALA A 51 5.79 -9.02 18.15
CA ALA A 51 5.60 -10.31 18.80
C ALA A 51 6.47 -10.43 20.04
N ALA A 52 7.66 -9.80 20.03
CA ALA A 52 8.61 -9.94 21.12
C ALA A 52 8.31 -9.02 22.29
N ASN A 53 7.50 -7.97 22.11
CA ASN A 53 7.25 -7.02 23.18
C ASN A 53 5.84 -7.09 23.76
N MET A 54 4.92 -7.81 23.14
CA MET A 54 3.53 -7.88 23.59
C MET A 54 3.22 -9.24 24.20
N ASP A 55 2.49 -9.23 25.29
CA ASP A 55 2.09 -10.47 25.94
C ASP A 55 0.74 -10.91 25.38
N GLN A 56 0.21 -11.99 25.95
CA GLN A 56 -1.04 -12.57 25.44
C GLN A 56 -2.20 -11.60 25.63
N GLN A 57 -2.21 -10.84 26.73
CA GLN A 57 -3.37 -9.99 26.96
C GLN A 57 -3.44 -8.84 25.96
N TYR A 58 -2.31 -8.41 25.38
CA TYR A 58 -2.39 -7.44 24.29
C TYR A 58 -3.11 -8.05 23.08
N TRP A 59 -2.70 -9.25 22.65
CA TRP A 59 -3.32 -9.88 21.49
C TRP A 59 -4.79 -10.20 21.74
N ASP A 60 -5.12 -10.57 22.98
CA ASP A 60 -6.52 -10.82 23.30
C ASP A 60 -7.30 -9.53 23.27
N MET A 61 -6.66 -8.45 23.72
CA MET A 61 -7.35 -7.16 23.84
C MET A 61 -7.64 -6.56 22.46
N VAL A 62 -6.65 -6.55 21.56
CA VAL A 62 -6.91 -6.00 20.22
C VAL A 62 -7.81 -6.94 19.43
N THR A 63 -7.70 -8.25 19.63
CA THR A 63 -8.58 -9.18 18.94
C THR A 63 -10.04 -8.93 19.28
N GLU A 64 -10.37 -8.78 20.57
CA GLU A 64 -11.79 -8.58 20.85
C GLU A 64 -12.29 -7.21 20.38
N ILE A 65 -11.43 -6.21 20.23
CA ILE A 65 -11.86 -4.96 19.59
C ILE A 65 -12.17 -5.20 18.11
N PHE A 66 -11.33 -5.97 17.42
CA PHE A 66 -11.56 -6.21 15.99
C PHE A 66 -12.78 -7.09 15.77
N GLN A 67 -12.98 -8.10 16.63
CA GLN A 67 -14.16 -8.93 16.49
C GLN A 67 -15.44 -8.11 16.69
N ASN A 68 -15.42 -7.21 17.67
CA ASN A 68 -16.60 -6.37 17.93
C ASN A 68 -16.85 -5.40 16.78
N THR A 69 -15.80 -4.74 16.29
CA THR A 69 -15.95 -3.85 15.14
C THR A 69 -16.40 -4.61 13.88
N GLU A 70 -15.87 -5.81 13.67
CA GLU A 70 -16.39 -6.70 12.63
C GLU A 70 -17.91 -6.80 12.68
N GLN A 71 -18.44 -7.08 13.88
CA GLN A 71 -19.86 -7.21 14.11
C GLN A 71 -20.60 -5.91 13.77
N ILE A 72 -20.03 -4.77 14.15
CA ILE A 72 -20.68 -3.49 13.88
C ILE A 72 -20.69 -3.18 12.39
N TYR A 73 -19.62 -3.57 11.69
CA TYR A 73 -19.51 -3.29 10.26
C TYR A 73 -20.43 -4.19 9.44
N ARG A 74 -20.76 -5.39 9.93
CA ARG A 74 -21.81 -6.16 9.24
C ARG A 74 -23.16 -5.45 9.32
N ILE A 75 -23.47 -4.85 10.47
CA ILE A 75 -24.69 -4.04 10.59
C ILE A 75 -24.58 -2.80 9.71
N ASN A 76 -23.42 -2.15 9.66
CA ASN A 76 -23.28 -0.98 8.81
C ASN A 76 -23.58 -1.30 7.35
N LEU A 77 -23.14 -2.47 6.86
CA LEU A 77 -23.38 -2.80 5.45
C LEU A 77 -24.88 -2.92 5.17
N ASP A 78 -25.64 -3.55 6.06
CA ASP A 78 -27.10 -3.59 5.89
C ASP A 78 -27.70 -2.18 5.95
N THR A 79 -27.36 -1.42 6.99
CA THR A 79 -27.84 -0.05 7.12
C THR A 79 -27.58 0.76 5.86
N LEU A 80 -26.34 0.76 5.36
CA LEU A 80 -26.05 1.65 4.23
C LEU A 80 -26.66 1.16 2.92
N ARG A 81 -26.83 -0.17 2.73
CA ARG A 81 -27.48 -0.63 1.51
C ARG A 81 -28.92 -0.13 1.45
N GLU A 82 -29.64 -0.24 2.58
CA GLU A 82 -31.02 0.25 2.65
C GLU A 82 -31.07 1.76 2.51
N ARG A 83 -30.20 2.48 3.24
CA ARG A 83 -30.21 3.94 3.22
C ARG A 83 -30.01 4.49 1.81
N TYR A 84 -29.13 3.88 1.01
CA TYR A 84 -28.93 4.35 -0.36
C TYR A 84 -29.80 3.61 -1.35
N ASN A 85 -30.72 2.77 -0.88
CA ASN A 85 -31.70 2.08 -1.71
C ASN A 85 -31.02 1.24 -2.79
N GLN A 86 -30.10 0.38 -2.37
CA GLN A 86 -29.31 -0.43 -3.29
C GLN A 86 -29.81 -1.87 -3.29
N SER A 87 -29.49 -2.57 -4.36
CA SER A 87 -29.74 -4.00 -4.39
C SER A 87 -28.60 -4.75 -3.72
N ARG A 88 -28.91 -5.94 -3.21
CA ARG A 88 -27.90 -6.81 -2.66
C ARG A 88 -26.85 -7.10 -3.73
N GLY A 89 -25.61 -7.27 -3.31
CA GLY A 89 -24.56 -7.44 -4.28
C GLY A 89 -23.18 -7.15 -3.73
N SER A 90 -22.42 -6.36 -4.45
CA SER A 90 -21.05 -6.02 -4.10
C SER A 90 -21.02 -4.66 -3.42
N HIS A 91 -20.61 -4.64 -2.15
CA HIS A 91 -20.55 -3.41 -1.38
C HIS A 91 -19.36 -3.48 -0.45
N THR A 92 -18.74 -2.32 -0.22
CA THR A 92 -17.51 -2.20 0.57
C THR A 92 -17.59 -1.01 1.51
N ARG A 93 -17.33 -1.26 2.80
CA ARG A 93 -17.30 -0.22 3.82
C ARG A 93 -15.87 -0.15 4.36
N GLN A 94 -15.26 1.03 4.30
CA GLN A 94 -13.83 1.17 4.62
C GLN A 94 -13.61 2.26 5.65
N TRP A 95 -12.65 2.02 6.54
CA TRP A 95 -12.22 3.04 7.51
C TRP A 95 -10.71 3.04 7.58
N MET A 96 -10.13 4.25 7.51
CA MET A 96 -8.70 4.48 7.73
C MET A 96 -8.56 5.54 8.81
N TYR A 97 -7.79 5.25 9.84
CA TYR A 97 -7.61 6.23 10.90
C TYR A 97 -6.24 6.05 11.53
N GLY A 98 -5.84 7.03 12.31
CA GLY A 98 -4.63 6.91 13.08
C GLY A 98 -4.04 8.28 13.35
N CYS A 99 -2.75 8.29 13.68
CA CYS A 99 -2.11 9.51 14.16
C CYS A 99 -0.70 9.58 13.62
N ASP A 100 -0.21 10.81 13.47
CA ASP A 100 1.18 11.07 13.12
C ASP A 100 1.86 11.79 14.27
N LEU A 101 3.15 11.51 14.45
CA LEU A 101 4.01 12.26 15.41
C LEU A 101 5.11 12.90 14.55
N LEU A 102 5.07 14.22 14.41
CA LEU A 102 5.96 14.95 13.47
C LEU A 102 7.32 15.36 14.06
N GLU A 103 8.19 15.87 13.18
CA GLU A 103 9.58 16.31 13.49
C GLU A 103 9.60 17.13 14.78
N ASP A 104 8.82 18.21 14.81
CA ASP A 104 8.69 19.20 15.91
C ASP A 104 7.82 18.74 17.08
N SER A 105 7.48 17.46 17.17
CA SER A 105 6.69 16.79 18.23
C SER A 105 5.21 17.19 18.22
N SER A 106 4.74 17.82 17.14
CA SER A 106 3.32 18.15 16.96
C SER A 106 2.63 16.90 16.46
N ILE A 107 1.32 16.84 16.59
CA ILE A 107 0.69 15.56 16.17
C ILE A 107 -0.38 15.86 15.14
N ARG A 108 -0.76 14.84 14.39
CA ARG A 108 -1.82 14.93 13.38
C ARG A 108 -2.72 13.71 13.49
N GLY A 109 -3.98 13.91 13.15
CA GLY A 109 -4.98 12.85 13.25
C GLY A 109 -5.67 12.61 11.93
N PHE A 110 -5.96 11.33 11.65
CA PHE A 110 -6.61 10.92 10.42
C PHE A 110 -7.81 10.07 10.80
N ASP A 111 -8.94 10.31 10.13
CA ASP A 111 -10.20 9.68 10.52
C ASP A 111 -11.13 9.81 9.30
N GLN A 112 -11.14 8.80 8.43
CA GLN A 112 -11.94 8.94 7.21
C GLN A 112 -12.60 7.64 6.78
N HIS A 113 -13.84 7.77 6.31
CA HIS A 113 -14.71 6.63 6.02
C HIS A 113 -15.18 6.64 4.58
N GLY A 114 -15.23 5.45 4.00
CA GLY A 114 -15.65 5.30 2.62
C GLY A 114 -16.74 4.25 2.53
N TYR A 115 -17.60 4.42 1.54
CA TYR A 115 -18.62 3.42 1.27
C TYR A 115 -18.71 3.25 -0.24
N ASP A 116 -18.65 2.00 -0.68
CA ASP A 116 -18.71 1.64 -2.10
C ASP A 116 -17.72 2.45 -2.96
N GLY A 117 -16.53 2.68 -2.41
CA GLY A 117 -15.47 3.33 -3.14
C GLY A 117 -15.48 4.84 -3.16
N LYS A 118 -16.38 5.48 -2.39
CA LYS A 118 -16.54 6.93 -2.40
C LYS A 118 -16.47 7.47 -0.98
N ASP A 119 -16.03 8.71 -0.84
CA ASP A 119 -16.06 9.40 0.44
C ASP A 119 -17.43 9.28 1.09
N PHE A 120 -17.44 8.97 2.38
CA PHE A 120 -18.66 8.91 3.18
C PHE A 120 -18.60 9.99 4.25
N LEU A 121 -17.71 9.84 5.23
CA LEU A 121 -17.44 10.88 6.24
C LEU A 121 -15.94 11.10 6.29
N THR A 122 -15.52 12.36 6.19
CA THR A 122 -14.10 12.73 6.22
C THR A 122 -13.92 13.73 7.34
N PHE A 123 -13.09 13.38 8.32
CA PHE A 123 -12.81 14.33 9.38
C PHE A 123 -11.97 15.48 8.82
N ASP A 124 -12.42 16.70 9.07
CA ASP A 124 -11.70 17.90 8.64
C ASP A 124 -11.04 18.51 9.87
N LYS A 125 -9.73 18.57 9.84
CA LYS A 125 -8.92 19.09 10.97
C LYS A 125 -9.27 20.55 11.28
N ASP A 126 -9.52 21.40 10.30
CA ASP A 126 -9.77 22.82 10.63
C ASP A 126 -11.19 22.99 11.21
N ALA A 127 -12.18 22.36 10.62
CA ALA A 127 -13.52 22.49 11.20
C ALA A 127 -13.72 21.63 12.46
N MET A 128 -12.83 20.68 12.79
CA MET A 128 -12.96 19.76 13.96
C MET A 128 -14.31 19.03 13.85
N THR A 129 -14.61 18.55 12.66
CA THR A 129 -15.94 18.10 12.27
C THR A 129 -15.85 17.13 11.08
N TYR A 130 -16.70 16.11 11.09
CA TYR A 130 -16.82 15.21 9.96
C TYR A 130 -17.54 15.92 8.81
N THR A 131 -16.97 15.82 7.62
CA THR A 131 -17.64 16.30 6.41
C THR A 131 -18.44 15.18 5.80
N ALA A 132 -19.76 15.36 5.73
CA ALA A 132 -20.65 14.38 5.12
C ALA A 132 -20.62 14.55 3.61
N ALA A 133 -20.54 13.43 2.90
CA ALA A 133 -20.44 13.54 1.45
C ALA A 133 -21.79 13.70 0.78
N ASP A 134 -22.87 13.35 1.47
CA ASP A 134 -24.20 13.29 0.89
C ASP A 134 -25.18 13.15 2.04
N ALA A 135 -26.47 13.16 1.68
CA ALA A 135 -27.54 13.16 2.68
C ALA A 135 -27.53 11.87 3.49
N GLY A 136 -27.09 10.77 2.88
CA GLY A 136 -26.90 9.54 3.63
C GLY A 136 -25.88 9.71 4.73
N ALA A 137 -24.74 10.32 4.40
CA ALA A 137 -23.69 10.50 5.39
C ALA A 137 -24.11 11.44 6.50
N GLN A 138 -25.00 12.39 6.20
CA GLN A 138 -25.40 13.39 7.19
C GLN A 138 -26.08 12.75 8.38
N ILE A 139 -26.81 11.67 8.13
CA ILE A 139 -27.49 10.96 9.20
C ILE A 139 -26.48 10.45 10.20
N THR A 140 -25.41 9.81 9.70
CA THR A 140 -24.39 9.29 10.59
C THR A 140 -23.61 10.42 11.29
N LYS A 141 -23.32 11.50 10.56
CA LYS A 141 -22.73 12.68 11.16
C LYS A 141 -23.56 13.17 12.34
N ARG A 142 -24.88 13.23 12.17
CA ARG A 142 -25.75 13.59 13.29
C ARG A 142 -25.64 12.58 14.44
N LYS A 143 -25.65 11.28 14.12
CA LYS A 143 -25.58 10.28 15.19
C LYS A 143 -24.31 10.45 16.02
N TRP A 144 -23.19 10.73 15.36
CA TRP A 144 -21.89 10.76 16.02
C TRP A 144 -21.62 12.06 16.74
N GLU A 145 -22.15 13.19 16.24
CA GLU A 145 -21.74 14.52 16.67
C GLU A 145 -22.75 15.19 17.58
N GLN A 146 -24.02 14.83 17.45
CA GLN A 146 -25.11 15.51 18.15
C GLN A 146 -25.91 14.57 19.02
N GLU A 147 -26.17 13.35 18.57
CA GLU A 147 -27.05 12.48 19.33
C GLU A 147 -26.29 11.61 20.32
N GLY A 148 -24.98 11.77 20.39
CA GLY A 148 -24.15 10.96 21.26
C GLY A 148 -22.75 11.54 21.30
N THR A 149 -21.86 10.80 21.95
CA THR A 149 -20.52 11.30 22.23
C THR A 149 -19.45 10.70 21.34
N PHE A 150 -19.82 9.94 20.31
CA PHE A 150 -18.80 9.20 19.60
C PHE A 150 -17.76 10.12 18.95
N ALA A 151 -18.19 11.23 18.33
CA ALA A 151 -17.21 12.10 17.68
C ALA A 151 -16.19 12.62 18.69
N GLU A 152 -16.63 12.97 19.90
CA GLU A 152 -15.66 13.43 20.90
C GLU A 152 -14.76 12.30 21.39
N ARG A 153 -15.27 11.08 21.50
CA ARG A 153 -14.40 9.97 21.90
C ARG A 153 -13.33 9.69 20.85
N MET A 154 -13.69 9.81 19.57
CA MET A 154 -12.69 9.61 18.52
C MET A 154 -11.63 10.70 18.57
N LYS A 155 -12.05 11.95 18.72
CA LYS A 155 -11.12 13.06 18.90
C LYS A 155 -10.11 12.74 20.00
N PHE A 156 -10.59 12.28 21.15
CA PHE A 156 -9.69 11.96 22.25
C PHE A 156 -8.75 10.83 21.87
N TYR A 157 -9.29 9.75 21.29
CA TYR A 157 -8.45 8.66 20.83
C TYR A 157 -7.35 9.15 19.91
N LEU A 158 -7.70 9.92 18.88
CA LEU A 158 -6.71 10.31 17.87
C LEU A 158 -5.59 11.16 18.49
N GLU A 159 -5.93 12.04 19.43
CA GLU A 159 -5.01 13.02 20.00
C GLU A 159 -4.27 12.51 21.23
N ASN A 160 -4.71 11.40 21.82
CA ASN A 160 -4.09 10.93 23.07
C ASN A 160 -3.74 9.45 23.03
N THR A 161 -4.77 8.59 23.02
CA THR A 161 -4.55 7.15 23.06
C THR A 161 -3.71 6.69 21.87
N CYS A 162 -4.04 7.16 20.67
CA CYS A 162 -3.27 6.79 19.48
C CYS A 162 -1.80 7.17 19.62
N ILE A 163 -1.52 8.38 20.10
CA ILE A 163 -0.15 8.84 20.27
C ILE A 163 0.60 7.98 21.29
N GLU A 164 -0.03 7.73 22.45
CA GLU A 164 0.59 6.87 23.46
C GLU A 164 0.98 5.51 22.88
N TRP A 165 0.11 4.94 22.03
CA TRP A 165 0.45 3.68 21.37
C TRP A 165 1.62 3.88 20.41
N LEU A 166 1.57 4.94 19.61
CA LEU A 166 2.63 5.17 18.64
C LEU A 166 3.99 5.27 19.34
N ARG A 167 4.06 6.03 20.45
CA ARG A 167 5.31 6.14 21.19
C ARG A 167 5.83 4.78 21.64
N LYS A 168 4.95 3.96 22.22
CA LYS A 168 5.34 2.61 22.59
C LYS A 168 5.89 1.86 21.39
N TYR A 169 5.16 1.92 20.27
CA TYR A 169 5.49 1.07 19.14
C TYR A 169 6.84 1.43 18.53
N VAL A 170 7.13 2.72 18.39
CA VAL A 170 8.39 3.10 17.75
C VAL A 170 9.57 2.62 18.59
N SER A 171 9.42 2.62 19.92
CA SER A 171 10.51 2.22 20.82
C SER A 171 10.78 0.71 20.72
N TYR A 172 9.74 -0.07 20.43
CA TYR A 172 10.02 -1.52 20.26
C TYR A 172 10.56 -1.78 18.86
N GLY A 173 10.27 -0.93 17.89
CA GLY A 173 10.70 -1.26 16.52
C GLY A 173 11.86 -0.45 16.03
N LYS A 174 12.44 0.41 16.88
CA LYS A 174 13.53 1.35 16.52
C LYS A 174 14.59 0.74 15.59
N ASP A 175 15.10 -0.46 15.85
CA ASP A 175 16.14 -1.09 15.00
C ASP A 175 15.63 -1.36 13.57
N VAL A 176 14.47 -1.99 13.42
CA VAL A 176 13.94 -2.27 12.09
C VAL A 176 13.59 -0.96 11.37
N LEU A 177 12.99 -0.01 12.07
CA LEU A 177 12.40 1.14 11.39
C LEU A 177 13.45 2.16 10.97
N GLU A 178 14.61 2.19 11.63
CA GLU A 178 15.66 3.14 11.30
C GLU A 178 16.87 2.49 10.64
N ARG A 179 16.74 1.23 10.23
CA ARG A 179 17.76 0.56 9.43
C ARG A 179 17.90 1.25 8.08
N ARG A 180 18.97 0.90 7.36
CA ARG A 180 19.23 1.42 6.03
C ARG A 180 19.72 0.29 5.15
N GLU A 181 19.21 0.25 3.91
CA GLU A 181 19.66 -0.74 2.94
C GLU A 181 19.89 -0.02 1.62
N ARG A 182 21.02 -0.29 0.98
CA ARG A 182 21.42 0.43 -0.22
C ARG A 182 20.75 -0.16 -1.46
N PRO A 183 20.30 0.68 -2.37
CA PRO A 183 19.83 0.17 -3.66
C PRO A 183 20.95 -0.46 -4.46
N GLU A 184 20.66 -1.59 -5.10
CA GLU A 184 21.42 -2.04 -6.26
C GLU A 184 20.82 -1.34 -7.47
N VAL A 185 21.64 -0.56 -8.16
CA VAL A 185 21.20 0.22 -9.32
C VAL A 185 21.79 -0.39 -10.59
N ARG A 186 20.96 -0.53 -11.63
CA ARG A 186 21.38 -0.89 -12.98
C ARG A 186 20.68 0.01 -13.97
N VAL A 187 21.43 0.50 -14.95
CA VAL A 187 20.91 1.21 -16.09
C VAL A 187 20.81 0.23 -17.25
N SER A 188 19.63 0.11 -17.83
CA SER A 188 19.41 -0.80 -18.94
C SER A 188 19.00 0.02 -20.15
N ARG A 189 19.27 -0.55 -21.33
CA ARG A 189 18.71 -0.06 -22.58
C ARG A 189 17.43 -0.84 -22.89
N MET A 190 16.36 -0.13 -23.23
CA MET A 190 15.15 -0.75 -23.72
C MET A 190 15.05 -0.58 -25.23
N GLU A 191 14.28 -1.49 -25.84
CA GLU A 191 14.09 -1.51 -27.31
C GLU A 191 13.19 -0.35 -27.74
N ALA A 192 13.53 0.32 -28.84
CA ALA A 192 12.76 1.46 -29.41
C ALA A 192 13.17 1.67 -30.87
N ASP A 193 12.64 2.69 -31.55
CA ASP A 193 12.98 2.94 -32.98
C ASP A 193 13.65 4.30 -33.14
N LYS A 194 14.86 4.34 -33.67
CA LYS A 194 15.61 5.60 -33.94
C LYS A 194 15.77 6.42 -32.66
N ILE A 195 15.38 5.84 -31.52
CA ILE A 195 15.53 6.53 -30.25
C ILE A 195 16.07 5.55 -29.22
N LEU A 196 17.01 6.02 -28.42
CA LEU A 196 17.67 5.24 -27.38
C LEU A 196 16.97 5.53 -26.05
N THR A 197 16.31 4.52 -25.49
CA THR A 197 15.68 4.67 -24.17
C THR A 197 16.56 4.04 -23.11
N LEU A 198 16.93 4.84 -22.10
CA LEU A 198 17.70 4.40 -20.95
C LEU A 198 16.77 4.24 -19.75
N SER A 199 16.91 3.13 -19.03
CA SER A 199 16.05 2.82 -17.90
C SER A 199 16.93 2.57 -16.68
N CYS A 200 16.79 3.42 -15.67
CA CYS A 200 17.51 3.30 -14.41
C CYS A 200 16.61 2.67 -13.36
N ARG A 201 17.04 1.53 -12.81
CA ARG A 201 16.27 0.77 -11.84
C ARG A 201 17.05 0.62 -10.54
N ALA A 202 16.43 1.04 -9.44
CA ALA A 202 17.02 0.95 -8.11
C ALA A 202 16.29 -0.13 -7.30
N HIS A 203 17.02 -1.15 -6.87
CA HIS A 203 16.45 -2.34 -6.26
C HIS A 203 16.83 -2.43 -4.78
N GLY A 204 15.82 -2.60 -3.92
CA GLY A 204 16.06 -3.07 -2.56
C GLY A 204 16.47 -2.02 -1.55
N PHE A 205 16.02 -0.79 -1.70
CA PHE A 205 16.37 0.28 -0.79
C PHE A 205 15.37 0.47 0.34
N TYR A 206 15.86 0.98 1.46
CA TYR A 206 15.09 1.30 2.67
C TYR A 206 15.86 2.34 3.46
N PRO A 207 15.20 3.44 3.90
CA PRO A 207 13.75 3.71 3.84
C PRO A 207 13.16 4.08 2.48
N ARG A 208 11.85 4.30 2.45
CA ARG A 208 11.14 4.53 1.19
C ARG A 208 11.55 5.77 0.43
N PRO A 209 11.76 6.93 1.04
CA PRO A 209 12.04 8.14 0.25
C PRO A 209 13.30 7.99 -0.60
N ILE A 210 13.21 8.45 -1.84
CA ILE A 210 14.32 8.36 -2.79
C ILE A 210 14.14 9.48 -3.81
N SER A 211 15.26 9.99 -4.29
CA SER A 211 15.30 10.86 -5.45
C SER A 211 16.06 10.10 -6.54
N ILE A 212 15.39 9.85 -7.66
CA ILE A 212 16.03 9.24 -8.82
C ILE A 212 15.78 10.15 -10.01
N SER A 213 16.86 10.64 -10.63
CA SER A 213 16.76 11.55 -11.76
C SER A 213 17.83 11.23 -12.79
N TRP A 214 17.68 11.85 -13.96
CA TRP A 214 18.59 11.70 -15.07
C TRP A 214 19.33 13.01 -15.29
N LEU A 215 20.65 12.94 -15.39
CA LEU A 215 21.49 14.09 -15.67
C LEU A 215 22.05 13.99 -17.09
N LYS A 216 22.22 15.14 -17.73
CA LYS A 216 22.95 15.25 -18.99
C LYS A 216 24.11 16.20 -18.75
N ASP A 217 25.34 15.69 -18.81
CA ASP A 217 26.53 16.48 -18.48
C ASP A 217 26.33 17.25 -17.18
N GLY A 218 25.67 16.62 -16.22
CA GLY A 218 25.47 17.18 -14.91
C GLY A 218 24.19 17.96 -14.72
N MET A 219 23.38 18.11 -15.76
CA MET A 219 22.18 18.93 -15.72
C MET A 219 20.96 18.02 -15.62
N VAL A 220 20.12 18.24 -14.62
CA VAL A 220 18.89 17.47 -14.52
C VAL A 220 18.05 17.64 -15.79
N GLN A 221 17.43 16.55 -16.23
CA GLN A 221 16.53 16.53 -17.36
C GLN A 221 15.12 16.16 -16.90
N GLU A 222 14.57 16.94 -15.96
CA GLU A 222 13.26 16.63 -15.39
C GLU A 222 12.17 16.56 -16.45
N GLN A 223 12.19 17.48 -17.42
CA GLN A 223 11.13 17.56 -18.43
C GLN A 223 11.02 16.23 -19.18
N GLU A 224 12.16 15.62 -19.48
CA GLU A 224 12.25 14.45 -20.35
C GLU A 224 12.23 13.13 -19.59
N THR A 225 12.18 13.16 -18.26
CA THR A 225 12.27 11.97 -17.43
C THR A 225 10.87 11.50 -17.05
N GLN A 226 10.61 10.22 -17.25
CA GLN A 226 9.42 9.56 -16.73
C GLN A 226 9.86 8.65 -15.60
N ARG A 227 9.14 8.66 -14.48
CA ARG A 227 9.53 7.80 -13.39
C ARG A 227 8.31 7.10 -12.80
N GLY A 228 8.48 5.83 -12.51
CA GLY A 228 7.41 5.04 -11.94
C GLY A 228 7.21 5.37 -10.50
N SER A 229 6.10 4.89 -9.94
CA SER A 229 5.89 5.08 -8.53
C SER A 229 6.72 4.06 -7.75
N THR A 230 7.10 4.44 -6.52
CA THR A 230 7.85 3.54 -5.65
C THR A 230 6.96 2.38 -5.22
N VAL A 231 7.48 1.16 -5.29
CA VAL A 231 6.69 -0.05 -5.06
C VAL A 231 7.50 -0.97 -4.15
N PRO A 232 6.84 -1.85 -3.41
CA PRO A 232 7.54 -2.66 -2.42
C PRO A 232 8.05 -3.98 -2.99
N ASN A 233 9.11 -4.46 -2.37
CA ASN A 233 9.57 -5.84 -2.46
C ASN A 233 8.95 -6.65 -1.34
N SER A 234 9.15 -7.96 -1.40
CA SER A 234 8.57 -8.87 -0.40
C SER A 234 9.24 -8.78 0.96
N ASP A 235 10.46 -8.22 1.05
CA ASP A 235 11.20 -8.15 2.30
C ASP A 235 11.11 -6.79 2.99
N GLY A 236 10.21 -5.92 2.56
CA GLY A 236 10.06 -4.63 3.18
C GLY A 236 10.93 -3.53 2.61
N THR A 237 11.73 -3.81 1.59
CA THR A 237 12.46 -2.77 0.88
C THR A 237 11.61 -2.31 -0.30
N TYR A 238 12.17 -1.40 -1.11
CA TYR A 238 11.41 -0.75 -2.16
C TYR A 238 12.18 -0.77 -3.48
N HIS A 239 11.52 -0.27 -4.52
CA HIS A 239 11.95 -0.39 -5.90
C HIS A 239 11.42 0.84 -6.64
N VAL A 240 12.21 1.36 -7.60
CA VAL A 240 11.73 2.46 -8.45
C VAL A 240 12.51 2.44 -9.76
N TRP A 241 11.88 2.93 -10.83
CA TRP A 241 12.53 3.09 -12.12
C TRP A 241 12.32 4.51 -12.63
N ALA A 242 13.20 4.90 -13.55
CA ALA A 242 13.14 6.19 -14.24
C ALA A 242 13.73 5.99 -15.62
N THR A 243 13.07 6.52 -16.66
CA THR A 243 13.54 6.34 -18.03
C THR A 243 13.71 7.70 -18.69
N ILE A 244 14.54 7.73 -19.72
CA ILE A 244 14.70 8.93 -20.54
C ILE A 244 15.02 8.48 -21.97
N ASP A 245 14.44 9.18 -22.95
CA ASP A 245 14.78 8.98 -24.37
C ASP A 245 15.84 9.96 -24.79
N VAL A 246 16.87 9.47 -25.50
CA VAL A 246 18.01 10.31 -25.86
C VAL A 246 18.42 10.04 -27.31
N LEU A 247 19.16 11.00 -27.86
CA LEU A 247 19.74 10.83 -29.19
C LEU A 247 20.85 9.79 -29.11
N PRO A 248 20.85 8.80 -30.00
CA PRO A 248 21.85 7.71 -29.89
C PRO A 248 23.27 8.20 -29.69
N GLY A 249 23.67 9.24 -30.44
CA GLY A 249 25.01 9.81 -30.32
C GLY A 249 25.26 10.63 -29.06
N ASP A 250 24.26 10.79 -28.19
CA ASP A 250 24.47 11.48 -26.92
C ASP A 250 24.63 10.52 -25.76
N TRP A 251 24.69 9.20 -26.03
CA TRP A 251 24.69 8.17 -24.99
C TRP A 251 25.65 8.50 -23.85
N ASP A 252 26.82 9.02 -24.18
CA ASP A 252 27.87 9.26 -23.20
C ASP A 252 27.55 10.42 -22.25
N LYS A 253 26.49 11.19 -22.51
CA LYS A 253 26.23 12.37 -21.69
C LYS A 253 25.34 12.10 -20.48
N TYR A 254 24.78 10.91 -20.33
CA TYR A 254 23.67 10.70 -19.41
C TYR A 254 24.08 9.82 -18.24
N GLN A 255 23.76 10.28 -17.04
CA GLN A 255 23.94 9.50 -15.83
C GLN A 255 22.65 9.54 -15.04
N CYS A 256 22.33 8.40 -14.42
CA CYS A 256 21.24 8.32 -13.48
C CYS A 256 21.76 8.71 -12.10
N ARG A 257 21.09 9.66 -11.45
CA ARG A 257 21.48 10.15 -10.12
C ARG A 257 20.52 9.61 -9.07
N VAL A 258 21.05 8.91 -8.07
CA VAL A 258 20.24 8.34 -7.00
C VAL A 258 20.68 8.94 -5.67
N GLU A 259 19.77 9.68 -5.03
CA GLU A 259 19.99 10.23 -3.71
C GLU A 259 19.11 9.50 -2.70
N HIS A 260 19.74 8.97 -1.65
CA HIS A 260 19.08 8.07 -0.72
C HIS A 260 19.78 8.14 0.62
N ALA A 261 19.00 7.93 1.70
CA ALA A 261 19.55 7.97 3.05
C ALA A 261 20.67 6.95 3.25
N SER A 262 20.69 5.87 2.49
CA SER A 262 21.71 4.85 2.66
C SER A 262 23.03 5.21 2.00
N LEU A 263 23.06 6.23 1.14
CA LEU A 263 24.23 6.54 0.32
C LEU A 263 24.89 7.81 0.82
N PRO A 264 26.13 7.75 1.35
CA PRO A 264 26.79 8.98 1.83
C PRO A 264 26.78 10.14 0.84
N GLN A 265 27.09 9.90 -0.41
CA GLN A 265 26.96 10.90 -1.47
C GLN A 265 26.04 10.34 -2.54
N PRO A 266 25.34 11.21 -3.29
CA PRO A 266 24.43 10.69 -4.32
C PRO A 266 25.20 9.89 -5.37
N GLY A 267 24.72 8.69 -5.66
CA GLY A 267 25.38 7.85 -6.64
C GLY A 267 25.03 8.26 -8.05
N LEU A 268 26.01 8.15 -8.96
CA LEU A 268 25.82 8.35 -10.39
C LEU A 268 26.07 7.03 -11.10
N PHE A 269 25.16 6.67 -11.99
CA PHE A 269 25.19 5.36 -12.64
C PHE A 269 25.04 5.57 -14.14
N SER A 270 25.75 4.76 -14.92
CA SER A 270 25.81 4.87 -16.37
C SER A 270 25.43 3.54 -17.03
N TRP A 271 24.78 3.65 -18.17
CA TRP A 271 24.73 2.55 -19.13
C TRP A 271 26.13 2.12 -19.51
N GLN B 4 -21.00 0.53 -7.43
CA GLN B 4 -19.65 0.74 -6.83
C GLN B 4 -18.84 1.69 -7.72
N ALA B 5 -17.84 2.35 -7.13
CA ALA B 5 -16.94 3.23 -7.89
C ALA B 5 -15.80 2.40 -8.50
N LYS B 6 -15.99 1.86 -9.72
CA LYS B 6 -15.03 0.94 -10.33
C LYS B 6 -13.78 1.70 -10.77
N ALA B 7 -12.62 1.28 -10.26
CA ALA B 7 -11.34 1.87 -10.58
C ALA B 7 -10.45 0.76 -11.10
N ALA B 8 -9.71 1.04 -12.19
CA ALA B 8 -8.95 -0.01 -12.86
C ALA B 8 -7.53 -0.11 -12.30
N PRO B 9 -7.02 -1.32 -12.12
CA PRO B 9 -5.67 -1.48 -11.56
C PRO B 9 -4.63 -0.91 -12.50
N LYS B 10 -3.55 -0.38 -11.92
CA LYS B 10 -2.29 -0.16 -12.62
C LYS B 10 -1.26 -1.14 -12.07
N VAL B 11 -0.36 -1.61 -12.94
CA VAL B 11 0.48 -2.77 -12.64
C VAL B 11 1.94 -2.44 -12.91
N GLN B 12 2.83 -2.82 -12.00
CA GLN B 12 4.26 -2.87 -12.30
C GLN B 12 4.77 -4.28 -12.06
N VAL B 13 5.64 -4.76 -12.96
CA VAL B 13 6.29 -6.06 -12.85
C VAL B 13 7.80 -5.82 -12.85
N TYR B 14 8.50 -6.44 -11.90
CA TYR B 14 9.89 -6.08 -11.61
C TYR B 14 10.50 -7.19 -10.75
N SER B 15 11.83 -7.28 -10.79
CA SER B 15 12.54 -8.31 -10.03
C SER B 15 13.14 -7.70 -8.78
N ARG B 16 13.26 -8.53 -7.74
CA ARG B 16 13.85 -8.10 -6.48
C ARG B 16 15.27 -7.56 -6.68
N HIS B 17 16.09 -8.27 -7.45
CA HIS B 17 17.45 -7.88 -7.77
C HIS B 17 17.60 -7.66 -9.27
N PRO B 18 18.58 -6.85 -9.71
CA PRO B 18 18.94 -6.83 -11.13
C PRO B 18 19.16 -8.25 -11.59
N ALA B 19 18.58 -8.59 -12.73
CA ALA B 19 18.46 -9.98 -13.14
C ALA B 19 19.70 -10.46 -13.89
N THR B 20 19.96 -11.75 -13.78
CA THR B 20 21.02 -12.43 -14.51
C THR B 20 20.50 -13.78 -14.94
N ALA B 21 20.63 -14.08 -16.23
CA ALA B 21 20.11 -15.33 -16.75
C ALA B 21 20.74 -16.49 -15.99
N GLY B 22 19.89 -17.38 -15.46
CA GLY B 22 20.36 -18.53 -14.71
C GLY B 22 20.52 -18.32 -13.22
N THR B 23 20.36 -17.11 -12.70
CA THR B 23 20.51 -16.84 -11.28
C THR B 23 19.14 -16.65 -10.63
N GLU B 24 18.90 -17.39 -9.55
CA GLU B 24 17.66 -17.30 -8.80
C GLU B 24 17.40 -15.86 -8.36
N ASN B 25 16.13 -15.48 -8.37
CA ASN B 25 15.69 -14.12 -8.09
C ASN B 25 14.26 -14.22 -7.52
N ILE B 26 13.60 -13.07 -7.37
CA ILE B 26 12.18 -13.02 -7.01
C ILE B 26 11.46 -12.07 -7.97
N LEU B 27 10.38 -12.56 -8.57
CA LEU B 27 9.54 -11.79 -9.47
C LEU B 27 8.41 -11.11 -8.68
N ASN B 28 8.25 -9.81 -8.91
CA ASN B 28 7.25 -9.02 -8.19
C ASN B 28 6.20 -8.50 -9.17
N CYS B 29 4.94 -8.58 -8.76
CA CYS B 29 3.83 -7.92 -9.46
C CYS B 29 3.09 -7.07 -8.45
N TYR B 30 3.19 -5.75 -8.59
CA TYR B 30 2.48 -4.83 -7.70
C TYR B 30 1.30 -4.23 -8.44
N VAL B 31 0.10 -4.42 -7.87
CA VAL B 31 -1.15 -4.00 -8.48
C VAL B 31 -1.77 -2.96 -7.55
N GLU B 32 -2.04 -1.77 -8.07
CA GLU B 32 -2.61 -0.74 -7.21
C GLU B 32 -3.71 0.01 -7.94
N GLY B 33 -4.54 0.70 -7.17
CA GLY B 33 -5.55 1.58 -7.74
C GLY B 33 -6.84 0.93 -8.18
N PHE B 34 -7.12 -0.29 -7.71
CA PHE B 34 -8.32 -0.98 -8.13
C PHE B 34 -9.41 -0.91 -7.06
N HIS B 35 -10.66 -0.97 -7.53
CA HIS B 35 -11.87 -1.00 -6.71
C HIS B 35 -12.98 -1.57 -7.56
N PRO B 36 -13.79 -2.51 -7.06
CA PRO B 36 -13.83 -3.12 -5.72
C PRO B 36 -12.62 -3.99 -5.40
N PRO B 37 -12.51 -4.52 -4.19
CA PRO B 37 -11.31 -5.33 -3.86
C PRO B 37 -11.23 -6.66 -4.56
N LYS B 38 -12.34 -7.21 -5.07
CA LYS B 38 -12.29 -8.51 -5.74
C LYS B 38 -11.32 -8.44 -6.92
N ILE B 39 -10.36 -9.35 -6.97
CA ILE B 39 -9.37 -9.34 -8.04
C ILE B 39 -8.69 -10.71 -8.14
N ASP B 40 -8.22 -11.03 -9.34
CA ASP B 40 -7.38 -12.20 -9.56
C ASP B 40 -6.08 -11.74 -10.17
N ILE B 41 -4.97 -12.04 -9.49
CA ILE B 41 -3.63 -11.69 -9.96
C ILE B 41 -2.85 -13.00 -10.07
N ALA B 42 -2.31 -13.29 -11.24
CA ALA B 42 -1.60 -14.53 -11.51
C ALA B 42 -0.21 -14.21 -12.04
N LEU B 43 0.80 -14.92 -11.53
CA LEU B 43 2.14 -14.84 -12.09
C LEU B 43 2.31 -16.02 -13.05
N LEU B 44 2.70 -15.74 -14.29
CA LEU B 44 2.74 -16.74 -15.34
C LEU B 44 4.15 -16.90 -15.87
N LYS B 45 4.63 -18.15 -15.96
CA LYS B 45 5.84 -18.49 -16.72
C LYS B 45 5.42 -19.13 -18.04
N ASN B 46 5.73 -18.47 -19.15
CA ASN B 46 5.32 -18.94 -20.46
C ASN B 46 3.82 -19.25 -20.51
N GLY B 47 3.03 -18.38 -19.90
CA GLY B 47 1.57 -18.51 -19.95
C GLY B 47 0.97 -19.47 -18.95
N GLU B 48 1.78 -20.13 -18.11
CA GLU B 48 1.32 -21.10 -17.14
C GLU B 48 1.56 -20.60 -15.72
N PRO B 49 0.60 -20.78 -14.81
CA PRO B 49 0.75 -20.25 -13.44
C PRO B 49 1.99 -20.81 -12.74
N MET B 50 2.75 -19.92 -12.11
CA MET B 50 4.02 -20.35 -11.53
C MET B 50 3.81 -21.03 -10.18
N LYS B 51 4.78 -21.87 -9.82
CA LYS B 51 4.78 -22.50 -8.52
C LYS B 51 5.09 -21.47 -7.45
N ASP B 52 4.51 -21.68 -6.26
CA ASP B 52 5.04 -21.09 -5.04
C ASP B 52 4.83 -19.58 -4.98
N VAL B 53 3.65 -19.12 -5.44
CA VAL B 53 3.33 -17.70 -5.45
C VAL B 53 2.81 -17.29 -4.08
N LYS B 54 3.28 -16.16 -3.56
CA LYS B 54 2.82 -15.57 -2.30
C LYS B 54 2.15 -14.22 -2.52
N TYR B 55 1.40 -13.80 -1.51
CA TYR B 55 0.52 -12.63 -1.58
C TYR B 55 0.67 -11.88 -0.27
N ASN B 56 1.05 -10.59 -0.32
CA ASN B 56 1.12 -9.82 0.92
C ASN B 56 -0.29 -9.38 1.31
N ASP B 57 -0.37 -8.55 2.34
CA ASP B 57 -1.65 -8.09 2.86
C ASP B 57 -2.22 -6.99 1.97
N MET B 58 -3.38 -7.27 1.37
CA MET B 58 -4.20 -6.22 0.76
C MET B 58 -4.30 -5.00 1.68
N SER B 59 -3.96 -3.83 1.15
CA SER B 59 -4.13 -2.54 1.80
C SER B 59 -4.88 -1.61 0.86
N PHE B 60 -5.25 -0.42 1.34
CA PHE B 60 -5.84 0.58 0.45
C PHE B 60 -5.27 1.94 0.78
N GLY B 61 -5.55 2.92 -0.10
CA GLY B 61 -5.04 4.26 0.03
C GLY B 61 -6.17 5.26 0.20
N ASP B 62 -5.80 6.55 0.26
CA ASP B 62 -6.86 7.42 0.76
C ASP B 62 -7.88 7.79 -0.29
N ASP B 63 -7.75 7.30 -1.53
CA ASP B 63 -8.86 7.35 -2.47
C ASP B 63 -9.68 6.06 -2.47
N TRP B 64 -9.45 5.19 -1.49
CA TRP B 64 -10.19 3.96 -1.19
C TRP B 64 -9.76 2.80 -2.08
N THR B 65 -8.92 3.03 -3.10
CA THR B 65 -8.51 1.94 -3.98
C THR B 65 -7.44 1.07 -3.32
N PHE B 66 -7.40 -0.19 -3.74
CA PHE B 66 -6.65 -1.23 -3.06
C PHE B 66 -5.31 -1.46 -3.76
N GLN B 67 -4.43 -2.18 -3.06
CA GLN B 67 -3.06 -2.41 -3.49
C GLN B 67 -2.65 -3.79 -3.02
N ARG B 68 -1.91 -4.52 -3.84
CA ARG B 68 -1.44 -5.83 -3.43
C ARG B 68 -0.13 -6.16 -4.15
N LEU B 69 0.81 -6.72 -3.38
CA LEU B 69 2.04 -7.30 -3.90
C LEU B 69 1.84 -8.80 -4.07
N VAL B 70 2.17 -9.31 -5.25
CA VAL B 70 2.20 -10.74 -5.54
C VAL B 70 3.62 -11.09 -5.98
N TYR B 71 4.15 -12.21 -5.48
CA TYR B 71 5.56 -12.47 -5.70
C TYR B 71 5.87 -13.96 -5.60
N ALA B 72 6.90 -14.38 -6.33
CA ALA B 72 7.29 -15.77 -6.40
C ALA B 72 8.77 -15.88 -6.75
N PRO B 73 9.45 -16.88 -6.23
CA PRO B 73 10.81 -17.19 -6.71
C PRO B 73 10.80 -17.51 -8.20
N PHE B 74 11.88 -17.15 -8.87
CA PHE B 74 12.03 -17.53 -10.28
C PHE B 74 13.51 -17.45 -10.65
N THR B 75 13.85 -18.16 -11.72
CA THR B 75 15.24 -18.26 -12.19
C THR B 75 15.13 -17.91 -13.67
N PRO B 76 15.26 -16.63 -14.01
CA PRO B 76 15.00 -16.22 -15.38
C PRO B 76 16.10 -16.67 -16.32
N THR B 77 15.70 -17.04 -17.53
CA THR B 77 16.61 -17.37 -18.63
C THR B 77 16.37 -16.37 -19.75
N LYS B 78 17.08 -16.56 -20.86
CA LYS B 78 16.83 -15.73 -22.04
C LYS B 78 15.57 -16.15 -22.78
N SER B 79 15.15 -17.41 -22.66
CA SER B 79 14.04 -17.92 -23.45
C SER B 79 12.69 -17.79 -22.76
N ASP B 80 12.67 -17.69 -21.44
CA ASP B 80 11.41 -17.76 -20.69
C ASP B 80 10.73 -16.40 -20.67
N VAL B 81 9.39 -16.40 -20.72
CA VAL B 81 8.60 -15.18 -20.75
C VAL B 81 7.74 -15.14 -19.49
N TYR B 82 7.92 -14.10 -18.68
CA TYR B 82 7.22 -14.00 -17.41
C TYR B 82 6.21 -12.87 -17.50
N THR B 83 4.98 -13.15 -17.09
CA THR B 83 3.96 -12.12 -17.10
C THR B 83 3.16 -12.18 -15.81
N CYS B 84 2.55 -11.04 -15.51
CA CYS B 84 1.55 -10.89 -14.47
C CYS B 84 0.21 -10.63 -15.14
N ARG B 85 -0.78 -11.47 -14.85
CA ARG B 85 -2.09 -11.36 -15.46
C ARG B 85 -3.14 -10.96 -14.43
N VAL B 86 -3.89 -9.91 -14.73
CA VAL B 86 -4.77 -9.26 -13.75
C VAL B 86 -6.20 -9.30 -14.29
N ASP B 87 -7.09 -9.91 -13.51
CA ASP B 87 -8.47 -10.10 -13.93
C ASP B 87 -9.31 -9.31 -12.92
N HIS B 88 -9.88 -8.19 -13.36
CA HIS B 88 -10.62 -7.26 -12.51
C HIS B 88 -11.81 -6.71 -13.26
N GLU B 89 -12.90 -6.45 -12.53
CA GLU B 89 -14.14 -6.06 -13.18
C GLU B 89 -14.10 -4.64 -13.75
N ALA B 90 -13.07 -3.86 -13.45
CA ALA B 90 -12.95 -2.57 -14.15
C ALA B 90 -12.41 -2.73 -15.57
N PHE B 91 -11.87 -3.90 -15.91
CA PHE B 91 -11.37 -4.21 -17.24
C PHE B 91 -12.45 -4.86 -18.12
N THR B 92 -12.26 -4.78 -19.44
CA THR B 92 -13.13 -5.52 -20.35
C THR B 92 -12.59 -6.89 -20.69
N GLU B 93 -11.36 -7.19 -20.29
CA GLU B 93 -10.77 -8.51 -20.42
C GLU B 93 -9.57 -8.56 -19.50
N PRO B 94 -9.08 -9.75 -19.16
CA PRO B 94 -7.89 -9.82 -18.29
C PRO B 94 -6.70 -9.17 -18.96
N GLN B 95 -5.91 -8.44 -18.18
CA GLN B 95 -4.80 -7.65 -18.69
C GLN B 95 -3.46 -8.30 -18.33
N SER B 96 -2.58 -8.49 -19.31
CA SER B 96 -1.29 -9.13 -19.08
C SER B 96 -0.18 -8.09 -19.16
N PHE B 97 0.82 -8.22 -18.28
CA PHE B 97 1.91 -7.26 -18.15
C PHE B 97 3.22 -8.04 -18.12
N ARG B 98 4.06 -7.77 -19.10
CA ARG B 98 5.29 -8.58 -19.29
C ARG B 98 6.46 -8.05 -18.47
N TRP B 99 7.18 -8.94 -17.81
CA TRP B 99 8.41 -8.53 -17.12
C TRP B 99 9.50 -8.25 -18.16
N GLU B 100 10.11 -7.08 -18.12
CA GLU B 100 11.21 -6.79 -19.05
C GLU B 100 12.50 -7.24 -18.35
N PRO B 101 13.19 -8.25 -18.87
CA PRO B 101 14.34 -8.79 -18.18
C PRO B 101 15.41 -7.75 -17.82
N ASP B 102 15.75 -6.85 -18.73
CA ASP B 102 16.80 -5.85 -18.44
C ASP B 102 18.13 -6.51 -17.96
N PHE B 103 18.52 -7.62 -18.59
CA PHE B 103 19.77 -8.36 -18.25
C PHE B 103 20.95 -7.45 -18.64
N GLY C 1 -2.69 0.19 19.17
CA GLY C 1 -3.94 -0.34 19.69
C GLY C 1 -5.09 0.39 19.02
N PRO C 2 -6.09 -0.35 18.55
CA PRO C 2 -7.19 0.25 17.81
C PRO C 2 -8.21 0.94 18.71
N ALA C 3 -9.04 1.77 18.09
CA ALA C 3 -10.09 2.49 18.78
C ALA C 3 -11.22 1.54 19.14
N LYS C 4 -11.77 1.72 20.33
CA LYS C 4 -12.83 0.82 20.78
C LYS C 4 -14.15 1.58 20.91
N GLY C 5 -15.22 0.83 21.16
CA GLY C 5 -16.54 1.41 21.33
C GLY C 5 -17.05 2.06 20.08
N ILE C 6 -16.86 1.42 18.93
CA ILE C 6 -17.23 2.03 17.65
C ILE C 6 -18.75 2.10 17.54
N GLU C 7 -19.25 3.27 17.18
CA GLU C 7 -20.66 3.54 16.98
C GLU C 7 -21.13 3.15 15.58
N TYR C 8 -22.38 2.69 15.48
CA TYR C 8 -22.98 2.34 14.20
C TYR C 8 -23.10 3.54 13.25
N ASP C 9 -23.06 3.25 11.96
CA ASP C 9 -23.42 4.24 10.94
C ASP C 9 -24.87 4.69 11.10
#